data_3FIM
#
_entry.id   3FIM
#
_cell.length_a   180.226
_cell.length_b   180.226
_cell.length_c   160.407
_cell.angle_alpha   90.00
_cell.angle_beta   90.00
_cell.angle_gamma   120
#
_symmetry.space_group_name_H-M   'P 64 2 2'
#
loop_
_entity.id
_entity.type
_entity.pdbx_description
1 polymer 'Aryl-alcohol oxidase'
2 non-polymer 'FLAVIN-ADENINE DINUCLEOTIDE'
3 water water
#
_entity_poly.entity_id   1
_entity_poly.type   'polypeptide(L)'
_entity_poly.pdbx_seq_one_letter_code
;ADFDYVVVGAGNAGNVVAARLTEDPDVSVLVLEAGVSDENVLGAEAPLLAPGLVPNSIFDWNYTTTAQAGYNGRSIAYPR
GRMLGGSSSVHYMVMMRGSTEDFDRYAAVTGDEGWNWDNIQQFVRKNEMVVPPADNHNTSGEFIPAVHGTNGSVSISLPG
FPTPLDDRVLATTQEQSEEFFFNPDMGTGHPLGISWSIASVGNGQRSSSSTAYLRPAQSRPNLSVLINAQVTKLVNSGTT
NGLPAFRCVEYAEQEGAPTTTVCAKKEVVLSAGSVGTPILLQLSGIGDENDLSSVGIDTIVNNPSVGRNLSDHLLLPAAF
FVNSNQTFDNIFRDSSEFNVDLDQWTNTRTGPLTALIANHLAWLRLPSNSSIFQTFPDPAAGPNSAHWETIFSNQWFHPA
IPRPDTGSFMSVTNALISPVARGDIKLATSNPFDKPLINPQYLSTEFDIFTMIQAVKSNLRFLSGQAWADFVIRPFDPRL
RDPTDDAAIESYIRDNANTIFHPVGTASMSPRGASWGVVDPDLKVKGVDGLRIVDGSILPFAPNAHTQGPIYLVGKQGAD
LIKADQ
;
_entity_poly.pdbx_strand_id   B
#
loop_
_chem_comp.id
_chem_comp.type
_chem_comp.name
_chem_comp.formula
FAD non-polymer 'FLAVIN-ADENINE DINUCLEOTIDE' 'C27 H33 N9 O15 P2'
#
# COMPACT_ATOMS: atom_id res chain seq x y z
N ASP A 2 -23.84 9.94 -23.58
CA ASP A 2 -22.91 9.16 -22.65
C ASP A 2 -21.48 9.75 -22.25
N PHE A 3 -20.81 9.08 -21.33
CA PHE A 3 -19.59 9.62 -20.76
C PHE A 3 -18.34 9.36 -21.64
N ASP A 4 -17.35 10.28 -21.62
CA ASP A 4 -16.08 10.06 -22.32
C ASP A 4 -15.29 8.98 -21.65
N TYR A 5 -15.25 8.96 -20.30
CA TYR A 5 -14.55 7.91 -19.57
C TYR A 5 -15.41 7.27 -18.48
N VAL A 6 -15.18 5.97 -18.24
CA VAL A 6 -15.62 5.27 -16.98
C VAL A 6 -14.34 4.66 -16.38
N VAL A 7 -13.72 4.77 -15.22
CA VAL A 7 -13.77 4.95 -13.88
C VAL A 7 -14.07 3.71 -13.06
N VAL A 8 -13.30 2.63 -13.21
CA VAL A 8 -13.46 1.44 -12.36
C VAL A 8 -13.09 1.53 -10.98
N GLY A 9 -11.98 1.27 -10.44
CA GLY A 9 -12.65 1.76 -8.84
C GLY A 9 -12.49 3.26 -8.29
N ALA A 10 -13.17 3.74 -7.23
CA ALA A 10 -12.90 5.15 -6.69
C ALA A 10 -11.75 5.23 -5.62
N GLY A 11 -10.55 4.71 -5.93
CA GLY A 11 -9.53 4.42 -4.95
C GLY A 11 -8.37 5.39 -4.97
N ASN A 12 -7.24 4.92 -4.44
CA ASN A 12 -6.04 5.72 -4.23
C ASN A 12 -5.67 6.35 -5.59
N ALA A 13 -5.61 5.51 -6.67
CA ALA A 13 -5.23 6.01 -8.03
C ALA A 13 -6.48 6.44 -8.84
N GLY A 14 -7.65 5.72 -8.74
CA GLY A 14 -8.82 6.09 -9.51
C GLY A 14 -9.36 7.52 -9.32
N ASN A 15 -9.28 8.04 -8.10
CA ASN A 15 -9.72 9.41 -7.83
C ASN A 15 -8.83 10.52 -8.46
N VAL A 16 -7.52 10.23 -8.56
CA VAL A 16 -6.62 11.09 -9.30
C VAL A 16 -7.04 11.23 -10.77
N VAL A 17 -7.26 10.09 -11.44
CA VAL A 17 -7.66 10.06 -12.80
C VAL A 17 -9.00 10.80 -12.93
N ALA A 18 -10.02 10.47 -12.10
CA ALA A 18 -11.28 11.15 -12.25
C ALA A 18 -11.19 12.66 -12.09
N ALA A 19 -10.51 13.16 -11.06
CA ALA A 19 -10.36 14.59 -10.77
C ALA A 19 -9.51 15.30 -11.83
N ARG A 20 -8.36 14.74 -12.20
CA ARG A 20 -7.54 15.33 -13.28
C ARG A 20 -8.28 15.44 -14.63
N LEU A 21 -8.95 14.38 -15.10
CA LEU A 21 -9.60 14.41 -16.42
C LEU A 21 -10.72 15.48 -16.45
N THR A 22 -11.36 15.73 -15.30
CA THR A 22 -12.54 16.62 -15.30
C THR A 22 -12.17 18.12 -15.12
N GLU A 23 -10.87 18.40 -14.95
CA GLU A 23 -10.34 19.80 -15.01
C GLU A 23 -10.70 20.47 -16.35
N ASP A 24 -10.80 19.66 -17.39
CA ASP A 24 -11.25 20.12 -18.69
C ASP A 24 -12.78 19.96 -18.70
N PRO A 25 -13.54 21.09 -18.74
CA PRO A 25 -14.99 21.04 -18.61
C PRO A 25 -15.73 20.28 -19.75
N ASP A 26 -15.03 20.02 -20.89
CA ASP A 26 -15.63 19.27 -22.02
C ASP A 26 -15.40 17.75 -21.97
N VAL A 27 -14.69 17.26 -20.93
CA VAL A 27 -14.46 15.84 -20.71
C VAL A 27 -15.29 15.37 -19.47
N SER A 28 -16.21 14.43 -19.69
CA SER A 28 -17.09 13.85 -18.68
C SER A 28 -16.50 12.47 -18.26
N VAL A 29 -16.53 12.22 -16.95
CA VAL A 29 -16.12 10.96 -16.34
C VAL A 29 -17.24 10.46 -15.38
N LEU A 30 -17.53 9.16 -15.41
CA LEU A 30 -18.38 8.40 -14.46
C LEU A 30 -17.43 7.45 -13.64
N VAL A 31 -17.42 7.61 -12.30
CA VAL A 31 -16.73 6.72 -11.40
C VAL A 31 -17.73 5.73 -10.81
N LEU A 32 -17.40 4.42 -10.96
CA LEU A 32 -18.17 3.32 -10.33
C LEU A 32 -17.38 2.79 -9.16
N GLU A 33 -17.95 2.94 -7.94
CA GLU A 33 -17.31 2.38 -6.75
C GLU A 33 -18.17 1.25 -6.10
N ALA A 34 -17.55 0.09 -5.84
CA ALA A 34 -18.31 -1.02 -5.27
C ALA A 34 -18.89 -0.70 -3.87
N GLY A 35 -18.10 0.06 -3.07
CA GLY A 35 -18.32 0.27 -1.63
C GLY A 35 -19.24 1.42 -1.28
N VAL A 36 -19.24 1.77 0.00
CA VAL A 36 -20.06 2.85 0.59
C VAL A 36 -19.25 4.17 0.64
N SER A 37 -19.95 5.21 1.11
CA SER A 37 -19.36 6.51 1.36
C SER A 37 -18.30 6.43 2.44
N ASP A 38 -17.29 7.31 2.35
CA ASP A 38 -16.38 7.53 3.49
C ASP A 38 -16.81 8.63 4.50
N GLU A 39 -17.87 9.35 4.16
CA GLU A 39 -18.31 10.56 4.83
C GLU A 39 -18.82 10.19 6.22
N ASN A 40 -18.33 10.97 7.21
CA ASN A 40 -18.56 10.78 8.70
C ASN A 40 -18.44 9.27 9.22
N VAL A 41 -17.20 8.81 8.98
CA VAL A 41 -16.68 7.55 9.46
C VAL A 41 -15.47 8.10 10.27
N LEU A 42 -15.71 8.33 11.57
CA LEU A 42 -14.70 8.59 12.57
C LEU A 42 -13.44 7.75 12.44
N GLY A 43 -13.55 6.42 12.30
CA GLY A 43 -12.37 5.52 12.25
C GLY A 43 -11.54 5.84 11.03
N ALA A 44 -12.15 6.46 10.00
CA ALA A 44 -11.40 6.87 8.76
C ALA A 44 -10.91 8.33 8.76
N GLU A 45 -11.23 9.10 9.78
CA GLU A 45 -10.77 10.51 9.93
C GLU A 45 -9.67 10.64 11.00
N ALA A 46 -9.83 10.09 12.22
CA ALA A 46 -8.84 10.21 13.35
C ALA A 46 -7.63 9.23 13.09
N PRO A 47 -6.39 9.78 12.83
CA PRO A 47 -5.32 8.83 12.44
C PRO A 47 -5.15 7.54 13.32
N LEU A 48 -5.13 7.74 14.62
CA LEU A 48 -4.88 6.65 15.58
C LEU A 48 -5.82 5.45 15.50
N LEU A 49 -7.07 5.70 15.07
CA LEU A 49 -8.07 4.69 14.91
C LEU A 49 -7.99 3.91 13.59
N ALA A 50 -7.05 4.24 12.68
CA ALA A 50 -7.02 3.49 11.49
C ALA A 50 -6.94 1.92 11.63
N PRO A 51 -5.96 1.38 12.46
CA PRO A 51 -5.86 -0.12 12.54
C PRO A 51 -7.17 -0.86 12.81
N GLY A 52 -8.00 -0.32 13.68
CA GLY A 52 -9.37 -0.96 13.84
C GLY A 52 -10.37 -1.10 12.60
N LEU A 53 -10.17 -0.46 11.45
CA LEU A 53 -11.26 -0.28 10.49
C LEU A 53 -11.56 -1.59 9.68
N VAL A 54 -10.47 -2.31 9.39
CA VAL A 54 -10.43 -3.56 8.60
C VAL A 54 -9.44 -4.53 9.34
N PRO A 55 -9.51 -5.88 9.12
CA PRO A 55 -10.41 -6.65 8.26
C PRO A 55 -11.81 -6.98 8.77
N ASN A 56 -12.25 -6.75 9.98
CA ASN A 56 -13.62 -7.64 9.69
C ASN A 56 -14.94 -6.89 9.59
N SER A 57 -15.22 -6.30 8.39
CA SER A 57 -16.14 -5.14 8.41
C SER A 57 -16.81 -4.76 7.12
N ILE A 58 -17.82 -3.87 7.20
CA ILE A 58 -18.41 -3.34 6.00
C ILE A 58 -17.51 -2.50 5.12
N PHE A 59 -16.43 -1.94 5.63
CA PHE A 59 -15.46 -1.20 4.84
C PHE A 59 -14.36 -2.08 4.20
N ASP A 60 -14.45 -3.41 4.30
CA ASP A 60 -13.40 -4.35 3.82
C ASP A 60 -14.02 -5.29 2.74
N TRP A 61 -13.23 -5.70 1.74
CA TRP A 61 -13.65 -6.80 0.80
C TRP A 61 -13.68 -8.21 1.48
N ASN A 62 -13.00 -8.34 2.65
CA ASN A 62 -13.04 -9.62 3.45
C ASN A 62 -12.36 -10.77 2.72
N TYR A 63 -11.38 -10.44 1.89
CA TYR A 63 -10.44 -11.41 1.29
C TYR A 63 -9.51 -12.08 2.30
N THR A 64 -9.04 -13.29 1.98
CA THR A 64 -8.00 -13.98 2.77
C THR A 64 -7.03 -14.60 1.78
N THR A 65 -5.82 -15.00 2.22
CA THR A 65 -4.96 -15.77 1.35
C THR A 65 -5.37 -17.24 1.39
N THR A 66 -4.89 -18.04 0.40
CA THR A 66 -4.87 -19.52 0.51
C THR A 66 -3.92 -19.88 1.70
N ALA A 67 -3.96 -21.14 2.19
CA ALA A 67 -3.05 -21.63 3.25
C ALA A 67 -1.57 -21.47 2.77
N GLN A 68 -0.72 -20.80 3.56
CA GLN A 68 0.72 -20.67 3.25
C GLN A 68 1.62 -21.72 3.89
N ALA A 69 2.22 -22.64 3.13
CA ALA A 69 3.18 -23.60 3.76
C ALA A 69 4.35 -22.86 4.44
N GLY A 70 4.77 -21.72 3.90
CA GLY A 70 5.81 -20.90 4.52
C GLY A 70 5.53 -20.37 5.93
N TYR A 71 4.22 -20.32 6.29
CA TYR A 71 3.62 -19.82 7.55
C TYR A 71 3.02 -20.97 8.32
N ASN A 72 3.67 -22.14 8.21
CA ASN A 72 3.20 -23.44 8.77
C ASN A 72 1.74 -23.80 8.50
N GLY A 73 1.22 -23.46 7.31
CA GLY A 73 -0.12 -23.82 7.01
C GLY A 73 -1.21 -22.72 7.22
N ARG A 74 -0.86 -21.54 7.74
CA ARG A 74 -1.85 -20.55 8.07
C ARG A 74 -2.30 -19.82 6.83
N SER A 75 -3.61 -19.52 6.76
CA SER A 75 -4.22 -18.46 5.95
C SER A 75 -4.27 -17.17 6.73
N ILE A 76 -4.10 -16.03 6.07
CA ILE A 76 -4.14 -14.81 6.84
C ILE A 76 -5.23 -13.91 6.17
N ALA A 77 -5.78 -12.96 6.93
CA ALA A 77 -6.69 -11.91 6.40
C ALA A 77 -5.87 -11.10 5.35
N TYR A 78 -6.53 -10.59 4.31
CA TYR A 78 -5.89 -9.82 3.29
C TYR A 78 -6.81 -8.55 3.11
N PRO A 79 -6.79 -7.63 4.11
CA PRO A 79 -7.72 -6.50 4.00
C PRO A 79 -7.51 -5.60 2.74
N ARG A 80 -8.58 -5.02 2.21
CA ARG A 80 -8.59 -4.08 1.09
C ARG A 80 -9.74 -3.10 1.40
N GLY A 81 -9.60 -1.78 1.18
CA GLY A 81 -10.77 -0.89 1.39
C GLY A 81 -11.85 -0.99 0.34
N ARG A 82 -13.08 -0.88 0.80
CA ARG A 82 -14.27 -1.06 -0.01
C ARG A 82 -15.13 0.15 0.27
N MET A 83 -14.70 1.30 -0.28
CA MET A 83 -15.45 2.55 -0.02
C MET A 83 -14.85 3.65 -0.82
N LEU A 84 -15.49 4.83 -0.87
CA LEU A 84 -14.86 6.03 -1.45
C LEU A 84 -13.43 6.26 -0.91
N GLY A 85 -12.45 6.42 -1.82
CA GLY A 85 -11.07 6.62 -1.36
C GLY A 85 -10.27 5.28 -1.43
N GLY A 86 -11.00 4.13 -1.53
CA GLY A 86 -10.33 2.84 -1.65
C GLY A 86 -9.49 2.54 -0.41
N SER A 87 -8.30 1.94 -0.61
CA SER A 87 -7.44 1.64 0.57
C SER A 87 -6.83 2.91 1.22
N SER A 88 -6.80 4.04 0.47
CA SER A 88 -6.40 5.31 1.06
C SER A 88 -7.37 5.82 2.14
N SER A 89 -8.55 5.18 2.31
CA SER A 89 -9.47 5.59 3.41
C SER A 89 -9.34 4.65 4.63
N VAL A 90 -8.54 3.55 4.51
CA VAL A 90 -8.32 2.60 5.62
C VAL A 90 -6.82 2.42 5.98
N HIS A 91 -5.93 2.96 5.13
CA HIS A 91 -4.53 2.82 5.41
C HIS A 91 -3.95 3.61 6.63
N TYR A 92 -2.65 3.43 6.85
CA TYR A 92 -1.91 4.00 7.98
C TYR A 92 -1.20 5.31 7.64
N MET A 93 -1.47 5.83 6.44
CA MET A 93 -1.14 7.18 6.03
C MET A 93 0.38 7.46 5.79
N VAL A 94 1.29 6.51 6.05
CA VAL A 94 2.73 6.76 5.91
C VAL A 94 3.00 7.14 4.47
N MET A 95 3.85 8.18 4.21
CA MET A 95 4.08 8.65 2.87
C MET A 95 5.60 8.63 2.52
N MET A 96 5.95 7.95 1.42
CA MET A 96 7.26 8.07 0.77
C MET A 96 7.14 7.52 -0.66
N ARG A 97 8.07 7.89 -1.53
CA ARG A 97 7.98 7.64 -2.96
C ARG A 97 8.67 6.42 -3.47
N GLY A 98 9.68 5.87 -2.75
CA GLY A 98 10.54 4.83 -3.33
C GLY A 98 11.98 5.30 -3.49
N SER A 99 12.91 4.42 -3.90
CA SER A 99 14.27 4.87 -4.13
C SER A 99 14.40 5.32 -5.59
N THR A 100 15.49 6.01 -5.90
CA THR A 100 15.77 6.33 -7.26
C THR A 100 15.91 5.07 -8.14
N GLU A 101 16.43 4.00 -7.52
CA GLU A 101 16.66 2.67 -8.21
C GLU A 101 15.32 1.99 -8.52
N ASP A 102 14.27 2.19 -7.71
CA ASP A 102 12.99 1.59 -8.06
C ASP A 102 12.52 2.15 -9.44
N PHE A 103 12.55 3.48 -9.57
CA PHE A 103 12.02 4.17 -10.72
C PHE A 103 12.92 4.03 -11.90
N ASP A 104 14.25 4.11 -11.74
CA ASP A 104 15.09 3.83 -12.87
C ASP A 104 14.93 2.38 -13.38
N ARG A 105 14.71 1.40 -12.49
CA ARG A 105 14.42 0.02 -12.87
C ARG A 105 13.04 -0.09 -13.61
N TYR A 106 12.00 0.64 -13.18
CA TYR A 106 10.71 0.62 -13.90
C TYR A 106 10.93 1.15 -15.34
N ALA A 107 11.75 2.20 -15.47
CA ALA A 107 12.14 2.74 -16.79
C ALA A 107 12.91 1.73 -17.62
N ALA A 108 13.91 1.09 -17.01
CA ALA A 108 14.79 0.16 -17.78
C ALA A 108 13.99 -1.09 -18.31
N VAL A 109 13.05 -1.57 -17.50
CA VAL A 109 12.30 -2.82 -17.75
C VAL A 109 11.13 -2.57 -18.70
N THR A 110 10.56 -1.35 -18.73
CA THR A 110 9.53 -0.96 -19.77
C THR A 110 10.13 -0.31 -21.04
N GLY A 111 11.36 0.17 -20.95
CA GLY A 111 11.94 0.89 -22.11
C GLY A 111 11.46 2.35 -22.18
N ASP A 112 10.77 2.84 -21.15
CA ASP A 112 10.13 4.18 -21.16
C ASP A 112 10.70 5.02 -20.03
N GLU A 113 11.49 6.03 -20.39
CA GLU A 113 12.22 6.91 -19.49
C GLU A 113 11.25 7.87 -18.73
N GLY A 114 10.02 8.08 -19.24
CA GLY A 114 8.92 8.70 -18.53
C GLY A 114 8.62 8.17 -17.13
N TRP A 115 8.92 6.88 -16.83
CA TRP A 115 8.81 6.31 -15.43
C TRP A 115 10.15 6.66 -14.88
N ASN A 116 10.64 6.32 -13.76
CA ASN A 116 12.27 7.04 -13.89
C ASN A 116 12.34 8.21 -13.07
N TRP A 117 13.27 8.14 -12.13
CA TRP A 117 13.21 8.97 -10.96
C TRP A 117 13.10 10.49 -11.32
N ASP A 118 13.95 11.02 -12.21
CA ASP A 118 13.96 12.43 -12.49
C ASP A 118 12.64 12.87 -13.11
N ASN A 119 12.12 12.06 -14.03
CA ASN A 119 10.99 12.47 -14.82
C ASN A 119 9.69 12.34 -14.00
N ILE A 120 9.73 11.60 -12.89
CA ILE A 120 8.58 11.42 -12.02
C ILE A 120 8.41 12.51 -10.87
N GLN A 121 9.47 13.26 -10.58
CA GLN A 121 9.49 14.23 -9.46
C GLN A 121 8.38 15.32 -9.65
N GLN A 122 8.11 15.68 -10.91
CA GLN A 122 7.11 16.65 -11.29
C GLN A 122 5.73 16.28 -10.74
N PHE A 123 5.44 14.98 -10.57
CA PHE A 123 4.20 14.46 -10.02
C PHE A 123 4.11 14.44 -8.49
N VAL A 124 5.26 14.33 -7.80
CA VAL A 124 5.34 14.54 -6.36
C VAL A 124 4.82 15.98 -6.03
N ARG A 125 5.23 16.96 -6.82
CA ARG A 125 4.78 18.32 -6.67
C ARG A 125 3.27 18.57 -6.98
N LYS A 126 2.69 17.84 -7.97
CA LYS A 126 1.28 17.95 -8.23
C LYS A 126 0.51 17.30 -7.09
N ASN A 127 1.11 16.23 -6.55
CA ASN A 127 0.44 15.29 -5.64
C ASN A 127 0.33 15.77 -4.17
N GLU A 128 1.27 16.60 -3.70
CA GLU A 128 1.33 16.82 -2.20
C GLU A 128 1.65 18.27 -1.82
N MET A 129 1.23 18.65 -0.59
CA MET A 129 1.69 19.90 0.01
C MET A 129 1.97 19.62 1.47
N VAL A 130 3.09 20.16 1.97
CA VAL A 130 3.42 20.06 3.41
C VAL A 130 2.65 21.10 4.24
N VAL A 131 1.97 20.60 5.30
CA VAL A 131 1.20 21.44 6.21
C VAL A 131 1.73 21.13 7.64
N PRO A 132 1.38 22.01 8.64
CA PRO A 132 1.84 21.76 10.01
C PRO A 132 1.33 20.45 10.68
N PRO A 133 2.22 19.86 11.51
CA PRO A 133 1.87 18.71 12.37
C PRO A 133 0.83 19.23 13.37
N ALA A 134 -0.06 18.29 13.82
CA ALA A 134 -1.16 18.69 14.71
C ALA A 134 -0.68 19.41 15.92
N ASP A 135 0.44 18.95 16.51
CA ASP A 135 0.93 19.59 17.81
C ASP A 135 1.71 20.88 17.50
N ASN A 136 1.90 21.16 16.19
CA ASN A 136 2.57 22.33 15.75
C ASN A 136 4.04 22.43 16.25
N HIS A 137 4.69 21.29 16.45
CA HIS A 137 6.12 21.32 16.86
C HIS A 137 7.01 21.86 15.68
N ASN A 138 8.26 22.17 16.06
CA ASN A 138 9.24 22.68 15.14
C ASN A 138 9.80 21.53 14.33
N THR A 139 9.59 21.51 13.01
CA THR A 139 9.89 20.27 12.23
C THR A 139 11.29 20.44 11.59
N SER A 140 11.98 21.48 11.98
CA SER A 140 13.33 21.82 11.45
C SER A 140 14.31 20.62 11.60
N GLY A 141 14.89 20.13 10.50
CA GLY A 141 15.76 18.94 10.62
C GLY A 141 15.04 17.61 10.76
N GLU A 142 13.72 17.54 10.49
CA GLU A 142 13.03 16.26 10.42
C GLU A 142 12.73 15.85 8.97
N PHE A 143 12.83 16.76 7.98
CA PHE A 143 12.65 16.41 6.54
C PHE A 143 13.42 17.53 5.78
N ILE A 144 13.48 17.47 4.44
CA ILE A 144 14.11 18.50 3.64
C ILE A 144 12.95 19.15 2.80
N PRO A 145 12.51 20.38 3.18
CA PRO A 145 11.37 21.00 2.44
C PRO A 145 11.52 20.99 0.90
N ALA A 146 12.74 21.21 0.35
CA ALA A 146 12.99 21.28 -1.12
C ALA A 146 12.61 20.03 -1.96
N VAL A 147 12.55 18.87 -1.33
CA VAL A 147 12.30 17.61 -2.04
C VAL A 147 10.84 17.23 -1.93
N HIS A 148 10.02 18.04 -1.24
CA HIS A 148 8.58 17.79 -1.12
C HIS A 148 7.70 18.85 -1.80
N GLY A 149 6.43 18.55 -2.12
CA GLY A 149 5.57 19.61 -2.65
C GLY A 149 5.14 20.67 -1.64
N THR A 150 4.73 21.82 -2.17
CA THR A 150 4.25 22.93 -1.35
C THR A 150 2.81 23.34 -1.74
N ASN A 151 2.28 22.88 -2.88
CA ASN A 151 0.99 23.30 -3.45
C ASN A 151 0.12 22.15 -3.87
N GLY A 152 0.55 20.89 -3.81
CA GLY A 152 -0.25 19.83 -4.40
C GLY A 152 -1.48 19.39 -3.62
N SER A 153 -2.16 18.32 -4.07
CA SER A 153 -3.53 18.05 -3.55
C SER A 153 -3.60 17.44 -2.15
N VAL A 154 -2.78 16.42 -1.91
CA VAL A 154 -2.70 15.66 -0.60
C VAL A 154 -1.90 16.46 0.44
N SER A 155 -2.50 16.70 1.60
CA SER A 155 -1.80 17.28 2.80
C SER A 155 -0.89 16.24 3.46
N ILE A 156 0.40 16.56 3.60
CA ILE A 156 1.34 15.69 4.36
C ILE A 156 1.96 16.46 5.55
N SER A 157 2.32 15.73 6.60
CA SER A 157 3.00 16.35 7.73
C SER A 157 3.83 15.38 8.52
N LEU A 158 4.64 15.97 9.38
CA LEU A 158 5.45 15.28 10.39
C LEU A 158 4.52 14.75 11.52
N PRO A 159 5.04 13.82 12.33
CA PRO A 159 4.14 13.23 13.31
C PRO A 159 3.43 14.28 14.19
N GLY A 160 2.09 14.15 14.40
CA GLY A 160 1.32 15.20 15.10
C GLY A 160 1.29 15.05 16.61
N PHE A 161 1.82 13.95 17.13
CA PHE A 161 1.85 13.73 18.58
C PHE A 161 3.15 12.98 18.88
N PRO A 162 3.94 13.46 19.90
CA PRO A 162 5.24 12.84 20.22
C PRO A 162 5.02 11.54 21.03
N THR A 163 6.07 10.72 21.14
CA THR A 163 5.99 9.47 21.92
C THR A 163 7.32 9.31 22.68
N PRO A 164 7.32 8.47 23.81
CA PRO A 164 8.59 8.26 24.58
C PRO A 164 9.68 7.50 23.77
N LEU A 165 9.34 6.98 22.58
CA LEU A 165 10.30 6.23 21.71
C LEU A 165 11.20 7.21 20.95
N ASP A 166 10.69 8.42 20.70
CA ASP A 166 11.29 9.36 19.71
C ASP A 166 12.75 9.70 20.07
N ASP A 167 12.96 10.17 21.30
CA ASP A 167 14.33 10.55 21.77
C ASP A 167 15.30 9.41 21.88
N ARG A 168 14.78 8.24 22.26
CA ARG A 168 15.53 6.95 22.32
C ARG A 168 15.91 6.38 20.93
N VAL A 169 15.03 6.51 19.92
CA VAL A 169 15.36 6.19 18.54
C VAL A 169 16.49 7.12 18.05
N LEU A 170 16.32 8.43 18.21
CA LEU A 170 17.33 9.39 17.88
C LEU A 170 18.71 9.15 18.59
N ALA A 171 18.72 8.81 19.89
CA ALA A 171 19.96 8.50 20.58
C ALA A 171 20.62 7.22 20.07
N THR A 172 19.84 6.21 19.62
CA THR A 172 20.38 4.96 19.06
C THR A 172 21.07 5.26 17.71
N THR A 173 20.54 6.23 16.96
CA THR A 173 21.19 6.61 15.71
C THR A 173 22.60 7.21 15.96
N GLN A 174 22.91 7.75 17.17
CA GLN A 174 24.30 8.20 17.55
C GLN A 174 25.14 7.08 18.20
N GLU A 175 24.58 6.37 19.22
CA GLU A 175 25.23 5.27 19.86
C GLU A 175 25.56 4.15 18.88
N GLN A 176 24.66 3.85 17.96
CA GLN A 176 24.86 2.75 17.03
C GLN A 176 24.86 3.20 15.56
N SER A 177 25.70 4.16 15.22
CA SER A 177 25.60 4.80 13.92
C SER A 177 26.18 4.03 12.69
N GLU A 178 27.06 3.05 12.90
CA GLU A 178 27.49 2.16 11.81
C GLU A 178 26.25 1.43 11.25
N GLU A 179 25.43 0.83 12.12
CA GLU A 179 24.26 0.12 11.68
C GLU A 179 23.01 1.00 11.44
N PHE A 180 22.77 1.99 12.33
CA PHE A 180 21.47 2.65 12.36
C PHE A 180 21.53 4.18 12.17
N PHE A 181 22.25 4.70 11.18
CA PHE A 181 22.49 6.12 11.08
C PHE A 181 21.22 6.84 10.68
N PHE A 182 21.18 8.13 10.95
CA PHE A 182 20.00 8.96 10.67
C PHE A 182 19.88 9.27 9.14
N ASN A 183 18.65 9.28 8.59
CA ASN A 183 18.39 9.73 7.22
C ASN A 183 17.47 11.02 7.27
N PRO A 184 17.95 12.17 6.72
CA PRO A 184 17.18 13.40 6.87
C PRO A 184 15.82 13.36 6.12
N ASP A 185 15.69 12.60 5.05
CA ASP A 185 14.43 12.59 4.34
C ASP A 185 14.50 11.48 3.28
N MET A 186 13.52 10.61 3.25
CA MET A 186 13.45 9.63 2.18
C MET A 186 13.18 10.16 0.76
N GLY A 187 12.69 11.41 0.65
CA GLY A 187 12.34 12.05 -0.58
C GLY A 187 13.56 12.29 -1.38
N THR A 188 14.77 12.10 -0.81
CA THR A 188 15.98 12.23 -1.63
C THR A 188 16.07 11.08 -2.67
N GLY A 189 15.25 9.99 -2.53
CA GLY A 189 15.47 8.85 -3.41
C GLY A 189 16.42 7.83 -2.81
N HIS A 190 16.95 8.13 -1.60
CA HIS A 190 17.93 7.25 -0.86
C HIS A 190 17.38 6.79 0.46
N PRO A 191 16.70 5.61 0.47
CA PRO A 191 15.79 5.27 1.59
C PRO A 191 16.54 4.90 2.92
N LEU A 192 17.81 4.51 2.83
CA LEU A 192 18.52 3.77 3.91
C LEU A 192 18.76 4.65 5.13
N GLY A 193 18.66 4.03 6.32
CA GLY A 193 18.87 4.75 7.59
C GLY A 193 17.52 4.91 8.29
N ILE A 194 17.59 5.72 9.35
CA ILE A 194 16.45 6.00 10.22
C ILE A 194 15.94 7.39 9.98
N SER A 195 14.64 7.52 9.57
CA SER A 195 14.06 8.82 9.23
C SER A 195 12.80 9.01 10.08
N TRP A 196 12.44 10.28 10.34
CA TRP A 196 11.10 10.61 10.83
C TRP A 196 10.01 10.25 9.84
N SER A 197 8.93 9.60 10.27
CA SER A 197 7.70 9.40 9.43
C SER A 197 7.12 10.71 8.94
N ILE A 198 6.64 10.71 7.69
CA ILE A 198 5.77 11.75 7.09
C ILE A 198 4.43 10.97 6.66
N ALA A 199 3.25 11.57 6.88
CA ALA A 199 1.99 10.91 6.74
C ALA A 199 1.05 11.89 6.06
N SER A 200 0.14 11.31 5.25
CA SER A 200 -0.95 12.06 4.63
C SER A 200 -2.06 12.39 5.66
N VAL A 201 -1.75 13.39 6.50
CA VAL A 201 -2.59 13.93 7.60
C VAL A 201 -2.48 15.50 7.53
N GLY A 202 -3.60 16.21 7.63
CA GLY A 202 -3.58 17.66 7.55
C GLY A 202 -4.58 18.09 8.61
N ASN A 203 -4.22 19.06 9.44
CA ASN A 203 -5.14 19.51 10.49
C ASN A 203 -5.63 18.30 11.41
N GLY A 204 -4.71 17.40 11.76
CA GLY A 204 -5.05 16.28 12.66
C GLY A 204 -5.97 15.21 12.11
N GLN A 205 -6.29 15.25 10.80
CA GLN A 205 -7.08 14.17 10.19
C GLN A 205 -6.54 13.58 8.88
N ARG A 206 -7.01 12.38 8.52
CA ARG A 206 -6.70 11.74 7.25
C ARG A 206 -6.83 12.65 6.03
N SER A 207 -5.78 12.69 5.20
CA SER A 207 -5.90 13.25 3.86
C SER A 207 -5.85 12.06 2.90
N SER A 208 -6.99 11.73 2.28
CA SER A 208 -7.12 10.52 1.48
C SER A 208 -7.34 10.93 0.00
N SER A 209 -7.47 9.98 -0.92
CA SER A 209 -7.70 10.39 -2.29
C SER A 209 -9.13 10.96 -2.51
N SER A 210 -10.13 10.61 -1.68
CA SER A 210 -11.47 11.22 -1.83
C SER A 210 -11.52 12.61 -1.24
N THR A 211 -10.99 12.83 0.00
CA THR A 211 -10.87 14.16 0.56
C THR A 211 -10.05 15.11 -0.36
N ALA A 212 -8.95 14.65 -0.91
CA ALA A 212 -7.99 15.49 -1.62
C ALA A 212 -8.39 15.67 -3.06
N TYR A 213 -8.95 14.64 -3.72
CA TYR A 213 -9.37 14.80 -5.15
C TYR A 213 -10.88 14.83 -5.40
N LEU A 214 -11.64 13.84 -4.89
CA LEU A 214 -13.05 13.70 -5.28
C LEU A 214 -13.93 14.72 -4.68
N ARG A 215 -13.82 14.99 -3.40
CA ARG A 215 -14.62 16.07 -2.80
C ARG A 215 -14.52 17.49 -3.33
N PRO A 216 -13.31 18.09 -3.43
CA PRO A 216 -13.32 19.34 -4.20
C PRO A 216 -13.95 19.31 -5.64
N ALA A 217 -13.94 18.17 -6.31
CA ALA A 217 -14.32 18.07 -7.71
C ALA A 217 -15.80 17.78 -7.87
N GLN A 218 -16.47 17.61 -6.74
CA GLN A 218 -17.87 17.13 -6.68
C GLN A 218 -18.92 18.15 -7.18
N SER A 219 -18.73 19.42 -6.93
CA SER A 219 -19.50 20.44 -7.64
C SER A 219 -19.36 20.42 -9.21
N ARG A 220 -18.51 19.62 -9.85
CA ARG A 220 -18.36 19.73 -11.34
C ARG A 220 -19.51 19.05 -12.09
N PRO A 221 -20.21 19.75 -13.00
CA PRO A 221 -21.29 18.96 -13.70
C PRO A 221 -20.77 17.81 -14.63
N ASN A 222 -19.49 17.82 -15.03
CA ASN A 222 -18.93 16.75 -15.92
C ASN A 222 -18.32 15.56 -15.13
N LEU A 223 -18.47 15.54 -13.80
CA LEU A 223 -18.03 14.43 -12.97
C LEU A 223 -19.25 13.79 -12.30
N SER A 224 -19.32 12.47 -12.39
CA SER A 224 -20.41 11.74 -11.79
C SER A 224 -19.88 10.53 -11.00
N VAL A 225 -20.32 10.39 -9.75
CA VAL A 225 -19.78 9.35 -8.85
C VAL A 225 -20.88 8.45 -8.34
N LEU A 226 -20.83 7.13 -8.63
CA LEU A 226 -21.87 6.18 -8.14
C LEU A 226 -21.20 5.21 -7.17
N ILE A 227 -21.82 5.00 -6.00
CA ILE A 227 -21.39 4.07 -5.01
C ILE A 227 -22.34 2.91 -5.01
N ASN A 228 -21.96 1.87 -4.27
CA ASN A 228 -22.75 0.62 -4.26
C ASN A 228 -22.92 0.11 -5.69
N ALA A 229 -21.86 0.23 -6.51
CA ALA A 229 -21.93 -0.10 -7.93
C ALA A 229 -20.75 -1.03 -8.24
N GLN A 230 -20.90 -2.34 -8.05
CA GLN A 230 -19.79 -3.22 -8.33
C GLN A 230 -19.78 -3.64 -9.81
N VAL A 231 -18.68 -3.29 -10.51
CA VAL A 231 -18.51 -3.77 -11.92
C VAL A 231 -18.29 -5.28 -11.94
N THR A 232 -19.18 -5.97 -12.66
CA THR A 232 -19.18 -7.45 -12.68
C THR A 232 -18.64 -8.05 -14.03
N LYS A 233 -18.52 -7.22 -15.07
CA LYS A 233 -17.96 -7.65 -16.34
C LYS A 233 -17.50 -6.47 -17.17
N LEU A 234 -16.30 -6.55 -17.76
CA LEU A 234 -15.88 -5.66 -18.90
C LEU A 234 -16.44 -6.28 -20.16
N VAL A 235 -17.17 -5.52 -20.98
CA VAL A 235 -17.91 -6.13 -22.11
C VAL A 235 -17.17 -5.85 -23.44
N ASN A 236 -16.99 -6.91 -24.25
CA ASN A 236 -16.28 -6.82 -25.56
C ASN A 236 -17.32 -6.14 -26.50
N SER A 237 -17.11 -4.86 -26.71
CA SER A 237 -18.06 -3.92 -27.29
C SER A 237 -17.86 -3.78 -28.82
N GLY A 238 -16.79 -4.29 -29.42
CA GLY A 238 -16.63 -4.29 -30.90
C GLY A 238 -15.19 -4.63 -31.23
N THR A 239 -14.74 -4.20 -32.41
CA THR A 239 -13.33 -4.35 -32.86
C THR A 239 -12.92 -2.97 -33.34
N THR A 240 -11.87 -2.39 -32.76
CA THR A 240 -11.39 -1.11 -33.24
C THR A 240 -9.85 -1.17 -33.22
N ASN A 241 -9.22 -0.50 -34.19
CA ASN A 241 -7.77 -0.58 -34.40
C ASN A 241 -7.24 -2.01 -34.51
N GLY A 242 -8.02 -2.88 -35.16
CA GLY A 242 -7.68 -4.30 -35.32
C GLY A 242 -7.72 -5.21 -34.06
N LEU A 243 -8.31 -4.77 -32.95
CA LEU A 243 -8.30 -5.54 -31.69
C LEU A 243 -9.68 -5.62 -31.08
N PRO A 244 -9.95 -6.66 -30.23
CA PRO A 244 -11.24 -6.57 -29.48
C PRO A 244 -11.36 -5.28 -28.63
N ALA A 245 -12.50 -4.55 -28.74
CA ALA A 245 -12.70 -3.31 -28.01
C ALA A 245 -13.48 -3.64 -26.72
N PHE A 246 -13.05 -3.03 -25.59
CA PHE A 246 -13.66 -3.24 -24.29
C PHE A 246 -14.05 -1.88 -23.66
N ARG A 247 -15.09 -1.25 -24.17
CA ARG A 247 -15.54 0.09 -23.73
C ARG A 247 -16.96 0.08 -23.03
N CYS A 248 -17.53 -1.09 -22.65
CA CYS A 248 -18.82 -1.17 -21.94
C CYS A 248 -18.54 -1.91 -20.67
N VAL A 249 -19.35 -1.63 -19.63
CA VAL A 249 -19.23 -2.35 -18.37
C VAL A 249 -20.68 -2.67 -17.92
N GLU A 250 -20.79 -3.68 -17.04
CA GLU A 250 -22.01 -4.12 -16.45
C GLU A 250 -21.69 -3.97 -15.00
N TYR A 251 -22.63 -3.36 -14.25
CA TYR A 251 -22.48 -3.17 -12.81
C TYR A 251 -23.77 -3.46 -12.06
N ALA A 252 -23.63 -3.86 -10.77
CA ALA A 252 -24.83 -4.18 -9.93
C ALA A 252 -24.47 -3.77 -8.54
N GLU A 253 -25.47 -3.59 -7.75
CA GLU A 253 -25.42 -3.22 -6.33
C GLU A 253 -24.94 -4.38 -5.46
N GLN A 254 -25.39 -5.59 -5.81
CA GLN A 254 -25.10 -6.76 -5.02
C GLN A 254 -25.43 -8.09 -5.77
N GLU A 255 -25.04 -9.23 -5.17
CA GLU A 255 -25.29 -10.47 -5.84
C GLU A 255 -26.77 -10.61 -6.11
N GLY A 256 -27.10 -11.04 -7.31
CA GLY A 256 -28.49 -11.35 -7.62
C GLY A 256 -29.24 -10.12 -8.13
N ALA A 257 -28.74 -8.89 -7.96
CA ALA A 257 -29.50 -7.76 -8.45
C ALA A 257 -29.45 -7.67 -10.06
N PRO A 258 -30.39 -6.95 -10.74
CA PRO A 258 -30.23 -6.84 -12.24
C PRO A 258 -29.00 -5.98 -12.57
N THR A 259 -28.27 -6.26 -13.67
CA THR A 259 -27.14 -5.42 -14.04
C THR A 259 -27.47 -4.24 -14.95
N THR A 260 -26.85 -3.08 -14.67
CA THR A 260 -26.91 -1.87 -15.55
C THR A 260 -25.71 -1.94 -16.57
N THR A 261 -25.93 -1.56 -17.82
CA THR A 261 -24.88 -1.42 -18.82
C THR A 261 -24.65 0.08 -19.06
N VAL A 262 -23.36 0.52 -18.98
CA VAL A 262 -22.90 1.81 -19.48
C VAL A 262 -21.63 1.69 -20.38
N CYS A 263 -21.52 2.61 -21.34
CA CYS A 263 -20.39 2.75 -22.23
C CYS A 263 -19.58 4.05 -22.05
N ALA A 264 -18.24 3.99 -22.33
CA ALA A 264 -17.39 5.16 -22.48
C ALA A 264 -17.21 5.51 -24.00
N LYS A 265 -17.24 6.79 -24.40
CA LYS A 265 -16.92 7.12 -25.77
C LYS A 265 -15.43 6.82 -26.03
N LYS A 266 -14.53 7.18 -25.11
CA LYS A 266 -13.07 7.07 -25.25
C LYS A 266 -12.47 5.80 -24.60
N GLU A 267 -12.33 5.71 -23.29
CA GLU A 267 -11.73 4.54 -22.61
C GLU A 267 -12.45 4.20 -21.31
N VAL A 268 -12.40 2.91 -20.96
CA VAL A 268 -12.66 2.39 -19.58
C VAL A 268 -11.26 2.32 -18.92
N VAL A 269 -11.16 2.89 -17.71
CA VAL A 269 -9.92 2.93 -16.89
C VAL A 269 -10.16 2.02 -15.70
N LEU A 270 -9.43 0.91 -15.61
CA LEU A 270 -9.46 0.07 -14.39
C LEU A 270 -8.52 0.63 -13.35
N SER A 271 -9.10 0.95 -12.18
CA SER A 271 -8.34 1.41 -11.02
C SER A 271 -8.86 0.59 -9.80
N ALA A 272 -9.07 -0.75 -10.01
CA ALA A 272 -9.60 -1.61 -9.00
C ALA A 272 -8.54 -2.22 -8.05
N GLY A 273 -7.24 -1.93 -8.30
CA GLY A 273 -6.12 -2.25 -7.45
C GLY A 273 -5.55 -3.65 -7.72
N SER A 274 -4.52 -4.02 -6.99
CA SER A 274 -3.80 -5.23 -7.26
C SER A 274 -4.60 -6.51 -7.13
N VAL A 275 -5.66 -6.53 -6.29
CA VAL A 275 -6.51 -7.71 -6.25
C VAL A 275 -7.69 -7.52 -7.24
N GLY A 276 -8.40 -6.37 -7.14
CA GLY A 276 -9.62 -6.08 -7.89
C GLY A 276 -9.40 -6.16 -9.41
N THR A 277 -8.27 -5.67 -9.87
CA THR A 277 -8.07 -5.55 -11.33
C THR A 277 -7.86 -6.95 -12.06
N PRO A 278 -6.89 -7.82 -11.61
CA PRO A 278 -6.77 -9.11 -12.28
C PRO A 278 -8.06 -9.92 -12.26
N ILE A 279 -8.78 -9.92 -11.15
CA ILE A 279 -9.94 -10.78 -11.08
C ILE A 279 -11.06 -10.36 -12.04
N LEU A 280 -11.21 -9.05 -12.20
CA LEU A 280 -12.22 -8.48 -13.07
C LEU A 280 -11.88 -8.81 -14.51
N LEU A 281 -10.59 -8.68 -14.86
CA LEU A 281 -10.10 -9.11 -16.19
C LEU A 281 -10.39 -10.57 -16.43
N GLN A 282 -10.03 -11.44 -15.48
CA GLN A 282 -10.36 -12.90 -15.58
C GLN A 282 -11.85 -13.19 -15.81
N LEU A 283 -12.70 -12.52 -15.00
CA LEU A 283 -14.19 -12.60 -15.09
C LEU A 283 -14.71 -12.14 -16.44
N SER A 284 -14.00 -11.31 -17.17
CA SER A 284 -14.40 -10.82 -18.50
C SER A 284 -13.73 -11.62 -19.67
N GLY A 285 -12.97 -12.69 -19.38
CA GLY A 285 -12.33 -13.47 -20.44
C GLY A 285 -10.93 -12.99 -20.87
N ILE A 286 -10.28 -12.17 -20.04
CA ILE A 286 -8.90 -11.71 -20.34
C ILE A 286 -7.92 -12.37 -19.30
N GLY A 287 -7.13 -13.35 -19.67
CA GLY A 287 -6.33 -14.09 -18.70
C GLY A 287 -5.89 -15.42 -19.27
N ASP A 288 -5.42 -16.32 -18.39
CA ASP A 288 -4.95 -17.63 -18.72
C ASP A 288 -6.11 -18.53 -19.20
N GLU A 289 -5.97 -19.01 -20.40
CA GLU A 289 -7.01 -19.75 -21.02
C GLU A 289 -7.40 -21.02 -20.24
N ASN A 290 -6.38 -21.79 -19.84
CA ASN A 290 -6.57 -23.00 -19.03
C ASN A 290 -7.29 -22.72 -17.66
N ASP A 291 -6.85 -21.69 -16.94
CA ASP A 291 -7.51 -21.36 -15.73
C ASP A 291 -8.98 -20.88 -15.96
N LEU A 292 -9.23 -20.06 -17.01
CA LEU A 292 -10.53 -19.54 -17.29
C LEU A 292 -11.38 -20.70 -17.67
N SER A 293 -10.93 -21.69 -18.43
CA SER A 293 -11.93 -22.67 -18.86
C SER A 293 -12.19 -23.69 -17.75
N SER A 294 -11.22 -23.87 -16.84
CA SER A 294 -11.42 -24.77 -15.70
C SER A 294 -12.61 -24.27 -14.79
N VAL A 295 -12.99 -22.96 -14.90
CA VAL A 295 -14.09 -22.35 -14.10
C VAL A 295 -15.30 -21.96 -14.95
N GLY A 296 -15.29 -22.41 -16.21
CA GLY A 296 -16.43 -22.24 -17.16
C GLY A 296 -16.44 -20.87 -17.89
N ILE A 297 -15.32 -20.19 -18.00
CA ILE A 297 -15.26 -18.90 -18.74
C ILE A 297 -14.59 -19.07 -20.08
N ASP A 298 -15.20 -18.48 -21.10
CA ASP A 298 -14.61 -18.45 -22.44
C ASP A 298 -13.56 -17.31 -22.55
N THR A 299 -12.35 -17.68 -23.02
CA THR A 299 -11.25 -16.70 -23.15
C THR A 299 -11.45 -15.84 -24.42
N ILE A 300 -11.45 -14.52 -24.32
CA ILE A 300 -11.53 -13.64 -25.50
C ILE A 300 -10.06 -13.24 -25.84
N VAL A 301 -9.26 -12.87 -24.82
CA VAL A 301 -7.81 -12.58 -24.95
C VAL A 301 -7.00 -13.47 -23.98
N ASN A 302 -6.18 -14.40 -24.53
CA ASN A 302 -5.34 -15.31 -23.75
C ASN A 302 -4.07 -14.62 -23.26
N ASN A 303 -3.97 -14.22 -22.00
CA ASN A 303 -2.73 -13.59 -21.51
C ASN A 303 -2.46 -14.18 -20.09
N PRO A 304 -1.51 -15.17 -20.02
CA PRO A 304 -1.24 -15.86 -18.73
C PRO A 304 -0.67 -14.93 -17.63
N SER A 305 -0.14 -13.75 -17.99
CA SER A 305 0.41 -12.85 -17.04
C SER A 305 -0.67 -12.22 -16.13
N VAL A 306 -1.95 -12.35 -16.52
CA VAL A 306 -3.02 -11.76 -15.69
C VAL A 306 -3.08 -12.44 -14.30
N GLY A 307 -2.72 -11.67 -13.27
CA GLY A 307 -2.88 -12.21 -11.90
C GLY A 307 -1.58 -12.86 -11.40
N ARG A 308 -0.58 -12.94 -12.28
CA ARG A 308 0.76 -13.40 -11.91
C ARG A 308 1.74 -12.32 -11.52
N ASN A 309 2.96 -12.74 -11.12
CA ASN A 309 3.96 -11.71 -10.76
C ASN A 309 3.46 -10.81 -9.59
N LEU A 310 2.70 -11.39 -8.63
CA LEU A 310 2.29 -10.71 -7.45
C LEU A 310 3.53 -10.65 -6.51
N SER A 311 3.97 -9.43 -6.16
CA SER A 311 4.96 -9.14 -5.08
C SER A 311 4.21 -8.47 -3.94
N ASP A 312 4.69 -8.57 -2.70
CA ASP A 312 4.05 -7.87 -1.55
C ASP A 312 5.21 -7.71 -0.58
N HIS A 313 4.98 -6.93 0.47
CA HIS A 313 5.93 -6.81 1.57
C HIS A 313 5.34 -7.70 2.72
N LEU A 314 6.03 -8.79 3.06
CA LEU A 314 5.60 -9.55 4.17
C LEU A 314 5.87 -8.75 5.47
N LEU A 315 5.08 -9.03 6.51
CA LEU A 315 5.21 -8.36 7.79
C LEU A 315 5.68 -9.30 8.93
N LEU A 316 6.64 -8.82 9.74
CA LEU A 316 6.90 -9.52 10.98
C LEU A 316 6.64 -8.66 12.23
N PRO A 317 5.67 -9.06 13.06
CA PRO A 317 5.39 -8.30 14.25
C PRO A 317 6.17 -8.81 15.48
N ALA A 318 6.38 -7.93 16.47
CA ALA A 318 7.02 -8.37 17.75
C ALA A 318 6.77 -7.31 18.82
N ALA A 319 6.09 -7.66 19.88
CA ALA A 319 5.90 -6.78 21.04
C ALA A 319 6.90 -7.04 22.19
N PHE A 320 7.19 -5.96 22.92
CA PHE A 320 8.06 -6.01 24.05
C PHE A 320 7.39 -5.23 25.16
N PHE A 321 7.37 -5.82 26.36
CA PHE A 321 6.97 -5.09 27.54
C PHE A 321 7.88 -3.90 27.82
N VAL A 322 7.28 -2.79 28.26
CA VAL A 322 8.11 -1.57 28.53
C VAL A 322 7.74 -0.98 29.85
N ASN A 323 8.72 -0.33 30.45
CA ASN A 323 8.51 0.35 31.75
C ASN A 323 7.97 1.78 31.42
N SER A 324 6.66 1.96 31.21
CA SER A 324 6.21 3.31 30.78
C SER A 324 4.72 3.44 31.03
N ASN A 325 4.29 4.65 31.44
CA ASN A 325 2.82 4.91 31.33
C ASN A 325 2.33 5.81 30.21
N GLN A 326 3.15 5.94 29.17
CA GLN A 326 2.79 6.80 28.09
C GLN A 326 2.61 6.14 26.73
N THR A 327 2.40 4.81 26.75
CA THR A 327 2.15 4.05 25.50
C THR A 327 0.66 4.25 25.17
N PHE A 328 0.23 3.90 23.96
CA PHE A 328 -1.11 4.20 23.49
C PHE A 328 -2.08 3.04 23.86
N ASP A 329 -1.59 2.00 24.51
CA ASP A 329 -2.38 0.77 24.78
C ASP A 329 -3.65 1.06 25.50
N ASN A 330 -3.63 1.88 26.53
CA ASN A 330 -4.85 2.12 27.32
C ASN A 330 -6.02 2.92 26.64
N ILE A 331 -5.69 3.70 25.59
CA ILE A 331 -6.66 4.41 24.82
C ILE A 331 -7.63 3.30 24.32
N PHE A 332 -7.07 2.16 23.92
CA PHE A 332 -7.85 1.02 23.47
C PHE A 332 -8.49 0.12 24.52
N ARG A 333 -8.20 0.29 25.81
CA ARG A 333 -8.76 -0.58 26.84
C ARG A 333 -9.63 0.19 27.83
N ASP A 334 -9.33 1.46 28.04
CA ASP A 334 -10.03 2.26 29.09
C ASP A 334 -10.91 3.36 28.39
N SER A 335 -12.21 3.19 28.40
CA SER A 335 -13.17 4.14 27.81
C SER A 335 -13.07 5.59 28.29
N SER A 336 -12.82 5.85 29.58
CA SER A 336 -12.60 7.24 30.02
C SER A 336 -11.43 7.89 29.37
N GLU A 337 -10.38 7.12 29.13
CA GLU A 337 -9.22 7.73 28.58
C GLU A 337 -9.51 8.05 27.09
N PHE A 338 -10.05 7.06 26.39
CA PHE A 338 -10.45 7.23 25.00
C PHE A 338 -11.36 8.52 24.82
N ASN A 339 -12.40 8.68 25.64
CA ASN A 339 -13.33 9.77 25.51
C ASN A 339 -12.72 11.12 25.79
N VAL A 340 -11.75 11.22 26.74
CA VAL A 340 -11.07 12.47 26.97
C VAL A 340 -10.27 12.84 25.71
N ASP A 341 -9.61 11.89 25.07
CA ASP A 341 -8.82 12.15 23.85
C ASP A 341 -9.70 12.39 22.56
N LEU A 342 -10.81 11.68 22.44
CA LEU A 342 -11.88 11.99 21.46
C LEU A 342 -12.39 13.43 21.65
N ASP A 343 -12.74 13.88 22.87
CA ASP A 343 -13.10 15.27 23.06
C ASP A 343 -12.04 16.30 22.61
N GLN A 344 -10.77 16.06 22.92
CA GLN A 344 -9.76 16.95 22.54
C GLN A 344 -9.65 16.94 21.03
N TRP A 345 -9.72 15.76 20.39
CA TRP A 345 -9.61 15.64 18.95
C TRP A 345 -10.71 16.36 18.21
N THR A 346 -11.96 16.15 18.63
CA THR A 346 -13.16 16.80 18.09
C THR A 346 -13.15 18.34 18.15
N ASN A 347 -12.73 18.88 19.30
CA ASN A 347 -12.72 20.30 19.52
C ASN A 347 -11.46 21.03 18.95
N THR A 348 -10.30 20.41 18.88
CA THR A 348 -9.10 21.19 18.58
C THR A 348 -8.28 20.42 17.50
N ARG A 349 -8.68 19.18 17.12
CA ARG A 349 -7.80 18.37 16.23
C ARG A 349 -6.33 18.21 16.76
N THR A 350 -6.16 18.04 18.08
CA THR A 350 -4.86 17.75 18.67
C THR A 350 -4.98 16.49 19.59
N GLY A 351 -3.82 16.02 20.04
CA GLY A 351 -3.70 15.03 21.11
C GLY A 351 -3.45 13.65 20.48
N PRO A 352 -3.57 12.61 21.33
CA PRO A 352 -3.23 11.22 20.97
C PRO A 352 -3.89 10.65 19.71
N LEU A 353 -5.10 11.11 19.36
CA LEU A 353 -5.79 10.52 18.23
C LEU A 353 -5.21 10.97 16.90
N THR A 354 -4.34 12.00 16.93
CA THR A 354 -3.67 12.43 15.72
C THR A 354 -2.41 11.64 15.54
N ALA A 355 -2.07 10.78 16.50
CA ALA A 355 -0.75 10.06 16.44
C ALA A 355 -0.69 9.00 15.34
N LEU A 356 0.52 8.74 14.84
CA LEU A 356 0.73 7.76 13.78
C LEU A 356 1.03 6.34 14.37
N ILE A 357 0.96 5.31 13.53
CA ILE A 357 1.45 4.00 13.82
C ILE A 357 2.94 4.00 14.32
N ALA A 358 3.83 4.86 13.76
CA ALA A 358 5.25 4.88 14.08
C ALA A 358 5.70 6.30 13.79
N ASN A 359 6.55 6.90 14.64
CA ASN A 359 7.14 8.21 14.36
C ASN A 359 8.50 8.14 13.60
N HIS A 360 9.09 6.92 13.55
CA HIS A 360 10.40 6.70 12.93
C HIS A 360 10.41 5.37 12.23
N LEU A 361 11.22 5.26 11.14
CA LEU A 361 11.29 4.06 10.26
C LEU A 361 12.76 3.80 9.92
N ALA A 362 13.26 2.54 10.01
CA ALA A 362 14.65 2.13 9.66
C ALA A 362 14.61 1.33 8.36
N TRP A 363 15.43 1.71 7.36
CA TRP A 363 15.51 1.01 6.05
C TRP A 363 16.93 0.47 5.98
N LEU A 364 17.06 -0.84 5.82
CA LEU A 364 18.32 -1.63 6.13
C LEU A 364 18.73 -2.62 5.03
N ARG A 365 20.02 -2.94 4.95
CA ARG A 365 20.57 -3.92 4.05
C ARG A 365 21.32 -5.00 4.81
N LEU A 366 21.35 -6.21 4.24
CA LEU A 366 22.33 -7.23 4.63
C LEU A 366 23.77 -6.75 4.39
N PRO A 367 24.74 -7.24 5.23
CA PRO A 367 26.20 -6.95 4.96
C PRO A 367 26.57 -7.33 3.50
N SER A 368 27.40 -6.58 2.79
CA SER A 368 27.91 -6.94 1.41
C SER A 368 28.48 -8.40 1.28
N ASN A 369 29.09 -8.91 2.38
CA ASN A 369 29.69 -10.26 2.42
C ASN A 369 28.79 -11.32 3.12
N SER A 370 27.50 -10.99 3.34
CA SER A 370 26.52 -12.00 3.80
C SER A 370 26.60 -13.36 3.04
N SER A 371 26.68 -14.47 3.80
CA SER A 371 26.71 -15.83 3.17
C SER A 371 25.53 -16.10 2.12
N ILE A 372 24.39 -15.43 2.24
CA ILE A 372 23.25 -15.68 1.31
C ILE A 372 23.54 -15.30 -0.14
N PHE A 373 24.47 -14.38 -0.32
CA PHE A 373 24.87 -13.90 -1.65
C PHE A 373 25.78 -14.91 -2.38
N GLN A 374 26.28 -15.95 -1.69
CA GLN A 374 27.00 -17.02 -2.39
C GLN A 374 26.03 -17.83 -3.26
N THR A 375 24.72 -17.81 -2.99
CA THR A 375 23.82 -18.53 -3.86
C THR A 375 22.62 -17.72 -4.42
N PHE A 376 22.37 -16.47 -4.00
CA PHE A 376 21.36 -15.59 -4.66
C PHE A 376 22.03 -14.28 -5.24
N PRO A 377 21.69 -13.92 -6.49
CA PRO A 377 22.06 -12.54 -6.87
C PRO A 377 21.23 -11.59 -5.99
N ASP A 378 21.72 -10.38 -5.70
CA ASP A 378 21.07 -9.46 -4.77
C ASP A 378 19.68 -9.09 -5.28
N PRO A 379 18.59 -9.40 -4.52
CA PRO A 379 17.29 -8.99 -5.10
C PRO A 379 16.87 -7.49 -4.89
N ALA A 380 17.70 -6.66 -4.20
CA ALA A 380 17.38 -5.24 -3.99
C ALA A 380 17.25 -4.45 -5.34
N ALA A 381 16.41 -3.41 -5.42
CA ALA A 381 16.34 -2.61 -6.63
C ALA A 381 17.72 -2.16 -7.10
N GLY A 382 18.67 -2.01 -6.15
CA GLY A 382 20.02 -1.60 -6.51
C GLY A 382 20.83 -1.54 -5.23
N PRO A 383 22.14 -1.18 -5.30
CA PRO A 383 22.97 -1.06 -4.08
C PRO A 383 22.59 0.05 -3.08
N ASN A 384 21.76 1.02 -3.46
CA ASN A 384 21.35 2.01 -2.48
C ASN A 384 19.97 1.79 -1.90
N SER A 385 19.37 0.62 -2.20
CA SER A 385 18.05 0.21 -1.75
C SER A 385 18.12 -0.82 -0.66
N ALA A 386 16.94 -1.06 -0.05
CA ALA A 386 16.75 -1.90 1.14
C ALA A 386 16.48 -3.36 0.90
N HIS A 387 16.85 -4.14 1.91
CA HIS A 387 16.40 -5.55 2.04
C HIS A 387 15.19 -5.68 2.97
N TRP A 388 15.18 -4.90 4.04
CA TRP A 388 14.07 -4.90 5.01
C TRP A 388 13.92 -3.50 5.62
N GLU A 389 12.77 -3.34 6.29
CA GLU A 389 12.39 -2.16 7.02
C GLU A 389 12.11 -2.59 8.44
N THR A 390 12.30 -1.67 9.39
CA THR A 390 11.89 -1.82 10.78
C THR A 390 11.06 -0.57 11.22
N ILE A 391 9.92 -0.81 11.87
CA ILE A 391 8.93 0.20 12.24
C ILE A 391 8.75 0.12 13.77
N PHE A 392 8.93 1.26 14.45
CA PHE A 392 8.95 1.36 15.88
C PHE A 392 7.63 1.99 16.30
N SER A 393 6.74 1.25 17.00
CA SER A 393 5.43 1.77 17.47
C SER A 393 5.25 1.96 19.04
N ASN A 394 4.69 3.08 19.49
CA ASN A 394 4.40 3.25 20.94
C ASN A 394 3.17 2.48 21.52
N GLN A 395 3.02 1.22 21.12
CA GLN A 395 1.94 0.33 21.64
C GLN A 395 2.17 -1.09 21.08
N TRP A 396 1.33 -2.01 21.55
CA TRP A 396 1.12 -3.29 20.91
C TRP A 396 0.66 -3.13 19.45
N PHE A 397 1.31 -3.83 18.56
CA PHE A 397 0.86 -3.95 17.17
C PHE A 397 1.08 -5.40 16.63
N HIS A 398 0.02 -6.10 16.28
CA HIS A 398 0.09 -7.41 15.70
C HIS A 398 -1.26 -7.69 14.96
N PRO A 399 -1.21 -7.86 13.62
CA PRO A 399 -2.45 -8.10 12.76
C PRO A 399 -3.25 -9.33 13.13
N ALA A 400 -2.60 -10.35 13.67
CA ALA A 400 -3.41 -11.55 14.01
C ALA A 400 -3.60 -11.88 15.51
N ILE A 401 -2.96 -11.23 16.48
CA ILE A 401 -3.11 -11.52 17.92
C ILE A 401 -3.69 -10.25 18.56
N PRO A 402 -4.86 -10.39 19.27
CA PRO A 402 -5.56 -9.23 19.94
C PRO A 402 -4.57 -8.64 20.98
N ARG A 403 -4.64 -7.34 21.22
CA ARG A 403 -3.93 -6.70 22.33
C ARG A 403 -4.27 -7.39 23.66
N PRO A 404 -3.21 -7.78 24.44
CA PRO A 404 -3.46 -8.33 25.78
C PRO A 404 -4.18 -7.36 26.67
N ASP A 405 -4.89 -7.84 27.66
CA ASP A 405 -5.57 -7.02 28.64
C ASP A 405 -4.67 -6.32 29.62
N THR A 406 -3.44 -6.81 29.80
CA THR A 406 -2.50 -6.23 30.78
C THR A 406 -1.17 -6.01 30.05
N GLY A 407 -0.37 -5.09 30.56
CA GLY A 407 0.92 -4.76 29.97
C GLY A 407 0.94 -3.45 29.16
N SER A 408 2.12 -2.80 29.13
CA SER A 408 2.44 -1.69 28.24
C SER A 408 3.48 -2.16 27.28
N PHE A 409 3.37 -1.78 25.99
CA PHE A 409 4.20 -2.36 24.99
C PHE A 409 4.78 -1.29 24.09
N MET A 410 5.94 -1.57 23.53
CA MET A 410 6.31 -1.01 22.22
C MET A 410 6.44 -2.21 21.24
N SER A 411 6.35 -2.02 19.94
CA SER A 411 6.50 -3.14 18.97
C SER A 411 7.53 -2.74 17.95
N VAL A 412 8.15 -3.77 17.33
CA VAL A 412 9.23 -3.66 16.35
C VAL A 412 8.73 -4.55 15.23
N THR A 413 8.23 -3.94 14.15
CA THR A 413 7.59 -4.66 13.05
C THR A 413 8.58 -4.57 11.90
N ASN A 414 8.88 -5.71 11.24
CA ASN A 414 9.77 -5.67 10.03
C ASN A 414 8.90 -5.85 8.82
N ALA A 415 9.30 -5.24 7.73
CA ALA A 415 8.70 -5.61 6.38
C ALA A 415 9.89 -6.07 5.43
N LEU A 416 9.67 -7.15 4.67
CA LEU A 416 10.66 -7.64 3.75
C LEU A 416 10.43 -6.85 2.42
N ILE A 417 11.38 -5.95 2.14
CA ILE A 417 11.25 -4.97 1.05
C ILE A 417 11.65 -5.55 -0.33
N SER A 418 12.60 -6.51 -0.33
CA SER A 418 13.13 -7.10 -1.57
C SER A 418 12.92 -8.64 -1.63
N PRO A 419 11.65 -9.07 -1.66
CA PRO A 419 11.44 -10.51 -1.73
C PRO A 419 11.93 -11.13 -3.05
N VAL A 420 12.40 -12.39 -2.92
CA VAL A 420 12.54 -13.33 -4.06
C VAL A 420 11.23 -14.04 -4.44
N ALA A 421 10.36 -14.35 -3.48
CA ALA A 421 9.03 -14.96 -3.76
C ALA A 421 8.16 -14.15 -4.70
N ARG A 422 7.33 -14.84 -5.50
CA ARG A 422 6.29 -14.22 -6.35
C ARG A 422 5.06 -15.15 -6.20
N GLY A 423 3.86 -14.58 -6.16
CA GLY A 423 2.67 -15.44 -6.07
C GLY A 423 1.72 -15.07 -7.18
N ASP A 424 0.44 -15.41 -7.00
CA ASP A 424 -0.64 -15.16 -7.99
C ASP A 424 -1.99 -14.98 -7.31
N ILE A 425 -2.87 -14.33 -8.09
CA ILE A 425 -4.32 -14.23 -7.86
C ILE A 425 -5.08 -14.91 -9.00
N LYS A 426 -6.00 -15.82 -8.64
CA LYS A 426 -6.82 -16.60 -9.58
C LYS A 426 -8.27 -16.68 -9.07
N LEU A 427 -9.20 -16.97 -9.99
CA LEU A 427 -10.59 -17.30 -9.73
C LEU A 427 -10.75 -18.71 -9.19
N ALA A 428 -11.67 -18.85 -8.19
CA ALA A 428 -12.12 -20.12 -7.71
C ALA A 428 -13.37 -20.56 -8.53
N THR A 429 -14.17 -19.60 -8.98
CA THR A 429 -15.40 -19.80 -9.74
C THR A 429 -15.58 -18.61 -10.68
N SER A 430 -16.55 -18.71 -11.56
CA SER A 430 -16.85 -17.57 -12.47
C SER A 430 -17.96 -16.62 -11.93
N ASN A 431 -18.38 -16.84 -10.67
CA ASN A 431 -19.30 -15.92 -10.00
C ASN A 431 -18.53 -14.67 -9.46
N PRO A 432 -18.84 -13.46 -10.02
CA PRO A 432 -18.12 -12.25 -9.63
C PRO A 432 -18.30 -11.88 -8.14
N PHE A 433 -19.32 -12.43 -7.48
CA PHE A 433 -19.44 -12.22 -6.07
C PHE A 433 -18.69 -13.23 -5.17
N ASP A 434 -18.03 -14.28 -5.69
CA ASP A 434 -17.30 -15.25 -4.86
C ASP A 434 -15.89 -14.67 -4.62
N LYS A 435 -15.23 -15.01 -3.51
CA LYS A 435 -13.88 -14.45 -3.23
C LYS A 435 -12.83 -15.14 -4.17
N PRO A 436 -11.74 -14.42 -4.52
CA PRO A 436 -10.64 -15.01 -5.26
C PRO A 436 -9.65 -15.79 -4.38
N LEU A 437 -8.79 -16.52 -5.10
CA LEU A 437 -7.69 -17.30 -4.50
C LEU A 437 -6.39 -16.44 -4.53
N ILE A 438 -5.96 -16.00 -3.32
CA ILE A 438 -4.86 -15.06 -3.28
C ILE A 438 -3.70 -15.82 -2.66
N ASN A 439 -2.63 -16.09 -3.42
CA ASN A 439 -1.53 -16.97 -2.98
C ASN A 439 -0.19 -16.26 -3.13
N PRO A 440 0.23 -15.47 -2.10
CA PRO A 440 1.49 -14.69 -2.24
C PRO A 440 2.78 -15.53 -2.14
N GLN A 441 2.68 -16.76 -1.62
CA GLN A 441 3.84 -17.67 -1.52
C GLN A 441 4.96 -17.14 -0.61
N TYR A 442 4.55 -16.53 0.48
CA TYR A 442 5.45 -16.04 1.50
C TYR A 442 6.50 -17.05 2.06
N LEU A 443 7.78 -16.62 2.15
CA LEU A 443 8.80 -17.41 2.82
C LEU A 443 8.92 -18.74 2.10
N SER A 444 8.68 -18.71 0.79
CA SER A 444 8.90 -19.92 -0.04
C SER A 444 10.34 -20.00 -0.62
N THR A 445 11.24 -19.05 -0.29
CA THR A 445 12.63 -19.12 -0.78
C THR A 445 13.59 -19.04 0.44
N GLU A 446 14.85 -19.49 0.25
CA GLU A 446 15.85 -19.45 1.30
C GLU A 446 16.23 -17.94 1.53
N PHE A 447 16.32 -17.12 0.48
CA PHE A 447 16.60 -15.70 0.68
C PHE A 447 15.62 -15.01 1.69
N ASP A 448 14.30 -15.28 1.54
CA ASP A 448 13.27 -14.62 2.29
C ASP A 448 13.37 -15.01 3.77
N ILE A 449 13.43 -16.32 4.10
CA ILE A 449 13.54 -16.73 5.52
C ILE A 449 14.90 -16.25 6.13
N PHE A 450 15.97 -16.41 5.35
CA PHE A 450 17.33 -16.00 5.82
C PHE A 450 17.37 -14.50 6.23
N THR A 451 16.83 -13.66 5.35
CA THR A 451 16.74 -12.22 5.63
C THR A 451 15.92 -11.88 6.88
N MET A 452 14.79 -12.57 7.12
CA MET A 452 13.93 -12.27 8.30
C MET A 452 14.64 -12.70 9.61
N ILE A 453 15.45 -13.77 9.53
CA ILE A 453 16.23 -14.17 10.71
C ILE A 453 17.26 -13.05 11.11
N GLN A 454 17.93 -12.48 10.09
CA GLN A 454 18.85 -11.38 10.27
C GLN A 454 18.15 -10.10 10.76
N ALA A 455 16.97 -9.82 10.18
CA ALA A 455 16.15 -8.75 10.67
C ALA A 455 15.88 -8.83 12.23
N VAL A 456 15.56 -9.99 12.76
CA VAL A 456 15.36 -10.18 14.19
C VAL A 456 16.67 -9.92 14.99
N LYS A 457 17.82 -10.45 14.53
CA LYS A 457 19.08 -10.16 15.22
C LYS A 457 19.39 -8.64 15.28
N SER A 458 19.19 -7.95 14.17
CA SER A 458 19.23 -6.48 14.09
C SER A 458 18.30 -5.75 15.10
N ASN A 459 16.99 -6.06 15.08
CA ASN A 459 16.07 -5.59 16.10
C ASN A 459 16.64 -5.72 17.53
N LEU A 460 17.15 -6.91 17.88
CA LEU A 460 17.73 -7.18 19.20
C LEU A 460 19.04 -6.38 19.50
N ARG A 461 19.93 -6.15 18.50
CA ARG A 461 21.08 -5.22 18.74
C ARG A 461 20.55 -3.83 18.96
N PHE A 462 19.56 -3.37 18.19
CA PHE A 462 18.98 -2.04 18.39
C PHE A 462 18.42 -1.84 19.87
N LEU A 463 17.57 -2.77 20.32
CA LEU A 463 16.99 -2.67 21.65
C LEU A 463 17.97 -2.94 22.80
N SER A 464 19.19 -3.35 22.46
CA SER A 464 20.13 -3.58 23.53
C SER A 464 20.98 -2.32 23.82
N GLY A 465 20.75 -1.16 23.15
CA GLY A 465 21.45 0.08 23.42
C GLY A 465 21.12 0.75 24.79
N GLN A 466 22.04 1.55 25.32
CA GLN A 466 21.88 2.32 26.56
C GLN A 466 20.53 3.08 26.58
N ALA A 467 20.12 3.65 25.45
CA ALA A 467 18.88 4.46 25.34
C ALA A 467 17.68 3.65 25.79
N TRP A 468 17.74 2.33 25.67
CA TRP A 468 16.58 1.44 25.97
C TRP A 468 16.68 0.80 27.35
N ALA A 469 17.82 0.99 28.03
CA ALA A 469 18.15 0.27 29.29
C ALA A 469 17.09 0.39 30.39
N ASP A 470 16.54 1.57 30.58
CA ASP A 470 15.51 1.72 31.65
C ASP A 470 14.03 1.54 31.12
N PHE A 471 13.85 1.05 29.89
CA PHE A 471 12.60 1.19 29.17
C PHE A 471 12.07 -0.18 28.64
N VAL A 472 12.80 -0.82 27.73
CA VAL A 472 12.54 -2.24 27.43
C VAL A 472 12.75 -3.17 28.64
N ILE A 473 11.72 -4.01 28.96
CA ILE A 473 11.81 -5.05 30.00
C ILE A 473 12.13 -6.45 29.37
N ARG A 474 11.31 -6.92 28.43
CA ARG A 474 11.46 -8.28 27.85
C ARG A 474 10.52 -8.47 26.66
N PRO A 475 10.89 -9.41 25.72
CA PRO A 475 9.91 -9.68 24.62
C PRO A 475 8.61 -10.30 25.19
N PHE A 476 7.48 -10.00 24.55
CA PHE A 476 6.26 -10.75 24.82
C PHE A 476 6.43 -12.29 24.55
N ASP A 477 7.09 -12.64 23.42
CA ASP A 477 7.36 -14.03 23.06
C ASP A 477 8.76 -14.47 23.56
N PRO A 478 8.83 -15.53 24.43
CA PRO A 478 10.15 -15.94 24.90
C PRO A 478 11.12 -16.48 23.78
N ARG A 479 10.66 -16.81 22.54
CA ARG A 479 11.55 -17.16 21.41
C ARG A 479 12.44 -16.00 20.93
N LEU A 480 12.11 -14.77 21.37
CA LEU A 480 12.93 -13.58 21.07
C LEU A 480 13.96 -13.26 22.19
N ARG A 481 14.16 -14.16 23.17
CA ARG A 481 15.16 -13.93 24.24
C ARG A 481 16.67 -14.07 23.87
N ASP A 482 17.00 -15.07 23.02
CA ASP A 482 18.39 -15.41 22.73
C ASP A 482 18.61 -15.10 21.20
N PRO A 483 19.44 -14.09 20.86
CA PRO A 483 19.64 -13.84 19.42
C PRO A 483 20.53 -14.88 18.70
N THR A 484 21.14 -15.83 19.42
CA THR A 484 21.94 -16.85 18.78
C THR A 484 21.11 -18.11 18.49
N ASP A 485 19.83 -18.18 18.83
CA ASP A 485 19.12 -19.46 18.71
C ASP A 485 18.24 -19.41 17.44
N ASP A 486 18.82 -19.79 16.29
CA ASP A 486 18.17 -19.67 14.97
C ASP A 486 16.92 -20.50 14.76
N ALA A 487 16.88 -21.67 15.41
CA ALA A 487 15.72 -22.55 15.41
C ALA A 487 14.53 -21.85 16.10
N ALA A 488 14.75 -21.26 17.27
CA ALA A 488 13.68 -20.55 17.99
C ALA A 488 13.18 -19.34 17.23
N ILE A 489 14.11 -18.59 16.65
CA ILE A 489 13.77 -17.43 15.79
C ILE A 489 13.00 -17.76 14.50
N GLU A 490 13.51 -18.73 13.77
CA GLU A 490 12.76 -19.17 12.61
C GLU A 490 11.35 -19.71 12.94
N SER A 491 11.20 -20.46 14.04
CA SER A 491 9.88 -20.91 14.52
C SER A 491 8.94 -19.69 14.74
N TYR A 492 9.45 -18.62 15.40
CA TYR A 492 8.75 -17.42 15.71
C TYR A 492 8.21 -16.77 14.43
N ILE A 493 9.08 -16.69 13.43
CA ILE A 493 8.82 -15.99 12.18
C ILE A 493 7.69 -16.69 11.42
N ARG A 494 7.73 -18.01 11.36
CA ARG A 494 6.77 -18.76 10.55
C ARG A 494 5.42 -18.82 11.25
N ASP A 495 5.41 -18.79 12.60
CA ASP A 495 4.15 -18.70 13.41
C ASP A 495 3.52 -17.29 13.45
N ASN A 496 4.31 -16.22 13.18
CA ASN A 496 3.86 -14.86 13.34
C ASN A 496 3.81 -14.02 12.08
N ALA A 497 4.51 -14.38 11.01
CA ALA A 497 4.64 -13.45 9.88
C ALA A 497 3.26 -13.33 9.23
N ASN A 498 3.02 -12.19 8.65
CA ASN A 498 1.71 -11.83 8.14
C ASN A 498 2.00 -11.01 6.85
N THR A 499 1.25 -9.94 6.61
CA THR A 499 1.45 -8.98 5.48
C THR A 499 1.37 -7.52 5.91
N ILE A 500 2.07 -6.62 5.20
CA ILE A 500 1.94 -5.18 5.55
C ILE A 500 1.08 -4.46 4.47
N PHE A 501 0.42 -5.24 3.59
CA PHE A 501 -0.70 -4.67 2.79
C PHE A 501 -0.28 -3.88 1.54
N HIS A 502 0.81 -4.28 0.89
CA HIS A 502 1.37 -3.51 -0.22
C HIS A 502 1.53 -4.38 -1.52
N PRO A 503 0.44 -5.11 -1.97
CA PRO A 503 0.57 -5.89 -3.18
C PRO A 503 0.76 -5.06 -4.45
N VAL A 504 1.61 -5.50 -5.38
CA VAL A 504 1.72 -4.85 -6.68
C VAL A 504 1.89 -5.99 -7.70
N GLY A 505 1.85 -5.66 -9.01
CA GLY A 505 2.47 -6.56 -10.03
C GLY A 505 1.50 -7.46 -10.80
N THR A 506 0.22 -7.62 -10.35
CA THR A 506 -0.73 -8.57 -11.00
C THR A 506 -1.29 -8.14 -12.43
N ALA A 507 -0.97 -6.90 -12.87
CA ALA A 507 -1.24 -6.44 -14.25
C ALA A 507 0.01 -5.63 -14.74
N SER A 508 1.21 -6.26 -14.60
CA SER A 508 2.51 -5.58 -14.76
C SER A 508 2.63 -4.86 -16.09
N MET A 509 3.25 -3.67 -16.09
CA MET A 509 3.60 -3.05 -17.36
C MET A 509 4.90 -3.65 -17.88
N SER A 510 5.01 -3.73 -19.21
CA SER A 510 6.20 -4.28 -19.90
C SER A 510 6.33 -3.58 -21.23
N PRO A 511 7.47 -3.78 -21.97
CA PRO A 511 7.62 -3.13 -23.32
C PRO A 511 6.51 -3.51 -24.33
N ARG A 512 6.13 -2.61 -25.27
CA ARG A 512 5.21 -2.98 -26.35
C ARG A 512 5.74 -4.27 -27.08
N GLY A 513 4.86 -5.25 -27.30
CA GLY A 513 5.27 -6.50 -27.90
C GLY A 513 5.86 -7.52 -26.93
N ALA A 514 6.19 -7.17 -25.67
CA ALA A 514 6.87 -8.18 -24.83
C ALA A 514 5.94 -9.39 -24.63
N SER A 515 6.58 -10.49 -24.24
CA SER A 515 5.77 -11.70 -24.11
C SER A 515 5.41 -12.00 -22.63
N TRP A 516 5.76 -11.12 -21.70
CA TRP A 516 5.19 -11.14 -20.38
C TRP A 516 4.51 -9.75 -20.17
N GLY A 517 3.69 -9.64 -19.13
CA GLY A 517 3.13 -8.36 -18.67
C GLY A 517 1.70 -8.25 -19.19
N VAL A 518 0.92 -7.36 -18.58
CA VAL A 518 -0.49 -7.21 -18.98
C VAL A 518 -0.76 -5.89 -19.74
N VAL A 519 0.04 -4.84 -19.47
CA VAL A 519 -0.19 -3.54 -20.05
C VAL A 519 1.11 -3.05 -20.72
N ASP A 520 0.97 -2.12 -21.66
CA ASP A 520 2.12 -1.46 -22.27
C ASP A 520 2.68 -0.38 -21.30
N PRO A 521 3.84 0.26 -21.64
CA PRO A 521 4.28 1.31 -20.71
C PRO A 521 3.34 2.57 -20.59
N ASP A 522 2.44 2.83 -21.59
CA ASP A 522 1.47 3.92 -21.46
C ASP A 522 0.18 3.44 -20.80
N LEU A 523 0.20 2.19 -20.30
CA LEU A 523 -0.76 1.55 -19.43
C LEU A 523 -2.00 1.01 -20.19
N LYS A 524 -1.88 0.89 -21.50
CA LYS A 524 -2.91 0.27 -22.32
C LYS A 524 -2.80 -1.24 -22.22
N VAL A 525 -3.97 -1.90 -22.03
CA VAL A 525 -4.08 -3.37 -21.97
C VAL A 525 -3.57 -4.00 -23.29
N LYS A 526 -2.65 -4.96 -23.23
CA LYS A 526 -2.08 -5.59 -24.43
C LYS A 526 -3.22 -6.51 -25.03
N GLY A 527 -3.35 -6.54 -26.38
CA GLY A 527 -4.35 -7.39 -27.01
C GLY A 527 -5.81 -6.83 -27.04
N VAL A 528 -5.99 -5.56 -26.60
CA VAL A 528 -7.32 -4.97 -26.45
C VAL A 528 -7.31 -3.51 -26.91
N ASP A 529 -8.44 -3.00 -27.39
CA ASP A 529 -8.53 -1.51 -27.60
C ASP A 529 -9.52 -0.87 -26.59
N GLY A 530 -9.21 0.33 -26.10
CA GLY A 530 -10.10 1.20 -25.38
C GLY A 530 -10.14 0.94 -23.86
N LEU A 531 -9.23 0.11 -23.33
CA LEU A 531 -9.04 -0.22 -21.89
C LEU A 531 -7.60 0.13 -21.36
N ARG A 532 -7.56 0.81 -20.19
CA ARG A 532 -6.34 1.41 -19.62
C ARG A 532 -6.37 1.00 -18.11
N ILE A 533 -5.21 0.62 -17.52
CA ILE A 533 -5.12 0.26 -16.12
C ILE A 533 -4.25 1.27 -15.31
N VAL A 534 -4.79 1.93 -14.29
CA VAL A 534 -4.01 2.93 -13.50
C VAL A 534 -4.26 2.63 -12.00
N ASP A 535 -3.36 1.84 -11.41
CA ASP A 535 -3.45 1.51 -10.04
C ASP A 535 -2.16 0.73 -9.75
N GLY A 536 -2.07 0.17 -8.52
CA GLY A 536 -0.94 -0.62 -8.06
C GLY A 536 -0.59 -1.88 -8.85
N SER A 537 -1.55 -2.42 -9.63
CA SER A 537 -1.36 -3.66 -10.30
C SER A 537 -0.26 -3.58 -11.42
N ILE A 538 -0.01 -2.36 -11.93
CA ILE A 538 0.91 -2.19 -13.03
C ILE A 538 2.38 -2.18 -12.57
N LEU A 539 2.67 -2.00 -11.28
CA LEU A 539 4.06 -1.85 -10.83
C LEU A 539 4.74 -3.22 -10.88
N PRO A 540 5.83 -3.40 -11.67
CA PRO A 540 6.32 -4.79 -11.80
C PRO A 540 7.23 -5.32 -10.68
N PHE A 541 7.57 -4.47 -9.71
CA PHE A 541 8.49 -4.87 -8.59
C PHE A 541 8.02 -4.17 -7.31
N ALA A 542 8.15 -4.84 -6.14
CA ALA A 542 7.91 -4.16 -4.85
C ALA A 542 8.84 -2.90 -4.73
N PRO A 543 8.26 -1.67 -4.44
CA PRO A 543 9.14 -0.50 -4.26
C PRO A 543 9.76 -0.42 -2.84
N ASN A 544 10.72 0.50 -2.72
CA ASN A 544 11.27 0.88 -1.42
C ASN A 544 10.37 1.88 -0.69
N ALA A 545 9.13 1.44 -0.37
CA ALA A 545 8.06 2.43 0.03
C ALA A 545 6.80 1.66 0.37
N HIS A 546 6.08 2.08 1.41
CA HIS A 546 4.69 1.82 1.50
C HIS A 546 4.07 2.37 0.20
N THR A 547 3.08 1.67 -0.36
CA THR A 547 2.67 1.83 -1.76
C THR A 547 1.67 2.98 -2.11
N GLN A 548 1.08 3.75 -1.18
CA GLN A 548 0.29 4.93 -1.58
C GLN A 548 1.17 5.92 -2.32
N GLY A 549 2.40 6.15 -1.87
CA GLY A 549 3.29 7.17 -2.49
C GLY A 549 3.54 6.91 -3.98
N PRO A 550 4.10 5.71 -4.31
CA PRO A 550 4.24 5.36 -5.70
C PRO A 550 2.93 5.27 -6.50
N ILE A 551 1.87 4.70 -5.94
CA ILE A 551 0.60 4.58 -6.59
C ILE A 551 -0.01 5.98 -6.96
N TYR A 552 0.14 7.01 -6.10
CA TYR A 552 -0.26 8.36 -6.50
C TYR A 552 0.50 8.88 -7.71
N LEU A 553 1.81 8.57 -7.80
CA LEU A 553 2.60 8.94 -9.01
C LEU A 553 2.09 8.25 -10.26
N VAL A 554 1.72 6.99 -10.12
CA VAL A 554 1.11 6.28 -11.24
C VAL A 554 -0.24 6.92 -11.67
N GLY A 555 -1.11 7.19 -10.67
CA GLY A 555 -2.33 7.95 -10.90
C GLY A 555 -2.12 9.28 -11.62
N LYS A 556 -1.19 10.11 -11.14
CA LYS A 556 -0.72 11.29 -11.83
C LYS A 556 -0.13 11.08 -13.27
N GLN A 557 0.90 10.21 -13.56
CA GLN A 557 1.42 9.99 -15.00
C GLN A 557 0.24 9.44 -15.83
N GLY A 558 -0.57 8.53 -15.24
CA GLY A 558 -1.66 7.92 -15.97
C GLY A 558 -2.69 8.93 -16.46
N ALA A 559 -3.05 9.91 -15.62
CA ALA A 559 -3.96 10.98 -16.08
C ALA A 559 -3.36 11.73 -17.26
N ASP A 560 -2.05 12.06 -17.21
CA ASP A 560 -1.35 12.70 -18.37
C ASP A 560 -1.31 11.84 -19.62
N LEU A 561 -1.00 10.56 -19.45
CA LEU A 561 -0.97 9.54 -20.54
C LEU A 561 -2.35 9.50 -21.26
N ILE A 562 -3.43 9.52 -20.45
CA ILE A 562 -4.79 9.61 -20.97
C ILE A 562 -5.06 10.94 -21.71
N LYS A 563 -4.69 12.08 -21.13
CA LYS A 563 -4.88 13.32 -21.85
C LYS A 563 -4.12 13.32 -23.20
N ALA A 564 -2.92 12.68 -23.23
CA ALA A 564 -2.01 12.78 -24.44
C ALA A 564 -2.66 12.07 -25.67
N ASP A 565 -3.65 11.15 -25.46
CA ASP A 565 -4.34 10.51 -26.55
C ASP A 565 -5.69 11.13 -26.88
N GLN A 566 -6.03 12.31 -26.34
CA GLN A 566 -7.33 12.97 -26.63
C GLN A 566 -7.35 13.61 -28.04
PA FAD B . -7.41 0.91 -3.95
O1A FAD B . -7.45 -0.40 -3.21
O2A FAD B . -7.12 2.15 -3.19
O5B FAD B . -8.70 1.07 -4.87
C5B FAD B . -9.38 0.19 -5.67
C4B FAD B . -10.84 0.66 -5.48
O4B FAD B . -11.49 -0.24 -6.41
C3B FAD B . -11.53 0.42 -4.10
O3B FAD B . -12.32 1.56 -3.75
C2B FAD B . -12.43 -0.82 -4.34
O2B FAD B . -13.69 -0.91 -3.55
C1B FAD B . -12.79 -0.62 -5.81
N9A FAD B . -13.18 -1.80 -6.67
C8A FAD B . -12.51 -2.98 -6.75
N7A FAD B . -13.17 -3.75 -7.65
C5A FAD B . -14.24 -3.07 -8.10
C6A FAD B . -15.26 -3.40 -8.99
N6A FAD B . -15.28 -4.61 -9.56
N1A FAD B . -16.21 -2.51 -9.20
C2A FAD B . -16.25 -1.34 -8.57
N3A FAD B . -15.32 -1.00 -7.69
C4A FAD B . -14.28 -1.85 -7.45
N1 FAD B . 0.08 2.13 2.11
C2 FAD B . 0.87 3.32 2.43
O2 FAD B . 1.46 4.00 1.58
N3 FAD B . 0.91 3.68 3.81
C4 FAD B . 0.23 2.83 4.70
O4 FAD B . 0.56 3.42 5.84
C4X FAD B . -0.58 1.65 4.47
N5 FAD B . -1.20 0.80 5.38
C5X FAD B . -2.19 -0.04 4.85
C6 FAD B . -3.03 -0.67 5.87
C7 FAD B . -4.08 -1.46 5.33
C7M FAD B . -4.89 -2.12 6.53
C8 FAD B . -4.32 -1.55 4.01
C8M FAD B . -5.44 -2.45 3.46
C9 FAD B . -3.55 -0.94 3.02
C9A FAD B . -2.42 -0.20 3.44
N10 FAD B . -1.47 0.43 2.51
C10 FAD B . -0.66 1.40 3.05
C1' FAD B . -1.01 0.44 0.90
C2' FAD B . -1.98 1.30 0.12
O2' FAD B . -3.23 1.58 0.85
C3' FAD B . -2.44 0.53 -1.18
O3' FAD B . -1.29 -0.04 -1.68
C4' FAD B . -2.96 1.55 -2.19
O4' FAD B . -3.76 2.59 -1.56
C5' FAD B . -3.84 0.93 -3.20
O5' FAD B . -4.01 1.76 -4.44
P FAD B . -5.03 1.39 -5.66
O1P FAD B . -4.18 0.32 -6.34
O2P FAD B . -5.36 2.65 -6.33
O3P FAD B . -6.20 0.52 -4.94
#